data_7JRS
#
_entry.id   7JRS
#
_cell.length_a   60.623
_cell.length_b   64.795
_cell.length_c   69.578
_cell.angle_alpha   85.700
_cell.angle_beta   64.250
_cell.angle_gamma   79.910
#
_symmetry.space_group_name_H-M   'P 1'
#
_entity_poly.entity_id   1
_entity_poly.type   'polyribonucleotide'
_entity_poly.pdbx_seq_one_letter_code
;GGACGCGGUAGCGAAGAACCAUCGACUGCGACUUAGCGAGCCUGCCCUGGCAGUGGGAGCCUGAAGCAGGCACGGGCGAA
GAACACUGUCAGGUCGCUGAGUCGGCGUCCCAGUUGAUGGGGAGCUACC
;
_entity_poly.pdbx_strand_id   A,B
#